data_3ZMM
#
_entry.id   3ZMM
#
_cell.length_a   44.506
_cell.length_b   126.688
_cell.length_c   135.593
_cell.angle_alpha   90.00
_cell.angle_beta   97.22
_cell.angle_gamma   90.00
#
_symmetry.space_group_name_H-M   'C 1 2 1'
#
loop_
_entity.id
_entity.type
_entity.pdbx_description
1 polymer 'TYROSINE-PROTEIN KINASE JAK2'
2 non-polymer 5-FLUORO-4-[(1S)-1-(5-FLUOROPYRIMIDIN-2-YL)ETHOXY]-N-(5-METHYL-1H-PYRAZOL-3-YL)-6-MORPHOLINO-PYRIMIDIN-2-AMINE
3 non-polymer 'ACETYL GROUP'
4 water water
#
_entity_poly.entity_id   1
_entity_poly.type   'polypeptide(L)'
_entity_poly.pdbx_seq_one_letter_code
;AFEDRDPTQFEERHLKFLQQLGKGNFGSVEMCRYDPLQDNTGEVVAVKKLQHSTEEHLRDFEREIEILKSLQHDNIVKYK
GVCYSAGRRNLKLIMEYLPYGSLRDYLQAHAERIDHIKLLQYTSQICKGMEYLGTKRYIHRDLATRNILVENENRVKIGD
FGLTKVLPQDKE(PTR)(PTR)KVKEPGESPIFWYAPESLTESKFSVASDVWSFGVVLYELFTYIEKSKSPPAEFMRMIG
NDKQGQMIVFHLIELLKNNGRLPRPDGCPDEIYMIMTECWNNNVNQRPSFRDLALRVDQIRDQMAG
;
_entity_poly.pdbx_strand_id   A,B
#
loop_
_chem_comp.id
_chem_comp.type
_chem_comp.name
_chem_comp.formula
ACE non-polymer 'ACETYL GROUP' 'C2 H4 O'
F9J non-polymer 5-FLUORO-4-[(1S)-1-(5-FLUOROPYRIMIDIN-2-YL)ETHOXY]-N-(5-METHYL-1H-PYRAZOL-3-YL)-6-MORPHOLINO-PYRIMIDIN-2-AMINE 'C18 H20 F2 N8 O2'
#
# COMPACT_ATOMS: atom_id res chain seq x y z
N PHE A 10 9.94 8.89 13.08
CA PHE A 10 11.19 8.08 13.04
C PHE A 10 12.37 8.73 13.80
N GLU A 11 12.98 7.94 14.69
CA GLU A 11 14.12 8.35 15.52
C GLU A 11 15.41 7.63 15.10
N GLU A 12 16.45 8.38 14.76
CA GLU A 12 17.65 7.81 14.12
C GLU A 12 18.55 6.92 15.01
N ARG A 13 18.28 6.84 16.30
CA ARG A 13 19.01 5.91 17.18
C ARG A 13 18.37 4.52 17.14
N HIS A 14 17.25 4.41 16.44
CA HIS A 14 16.56 3.13 16.25
C HIS A 14 16.78 2.48 14.90
N LEU A 15 17.41 3.19 13.97
CA LEU A 15 17.78 2.62 12.68
C LEU A 15 19.04 1.79 12.82
N LYS A 16 18.90 0.47 12.75
CA LYS A 16 20.05 -0.43 12.81
C LYS A 16 20.52 -0.75 11.37
N PHE A 17 21.78 -0.46 11.09
CA PHE A 17 22.37 -0.61 9.76
C PHE A 17 22.56 -2.08 9.38
N LEU A 18 22.01 -2.50 8.24
CA LEU A 18 22.18 -3.89 7.77
C LEU A 18 23.14 -4.03 6.61
N GLN A 19 22.92 -3.27 5.56
CA GLN A 19 23.86 -3.23 4.45
C GLN A 19 23.69 -2.05 3.50
N GLN A 20 24.81 -1.73 2.86
CA GLN A 20 24.88 -0.65 1.87
C GLN A 20 24.17 -1.18 0.62
N LEU A 21 23.36 -0.34 -0.01
CA LEU A 21 22.64 -0.73 -1.23
C LEU A 21 23.13 0.01 -2.51
N GLY A 22 23.46 1.30 -2.40
CA GLY A 22 24.04 2.02 -3.56
C GLY A 22 24.51 3.46 -3.34
N GLY A 27 24.44 11.30 -2.80
CA GLY A 27 23.35 10.32 -2.70
C GLY A 27 23.80 8.92 -2.33
N SER A 28 23.19 8.33 -1.30
CA SER A 28 23.49 6.94 -0.88
C SER A 28 22.28 6.29 -0.18
N VAL A 29 22.03 5.02 -0.48
CA VAL A 29 20.90 4.28 0.09
C VAL A 29 21.38 3.06 0.91
N GLU A 30 20.84 2.90 2.11
CA GLU A 30 21.20 1.79 3.01
C GLU A 30 19.96 0.93 3.34
N MET A 31 20.16 -0.37 3.51
CA MET A 31 19.15 -1.24 4.12
C MET A 31 19.28 -1.16 5.65
N CYS A 32 18.20 -0.82 6.34
CA CYS A 32 18.21 -0.69 7.80
C CYS A 32 17.03 -1.40 8.42
N ARG A 33 17.14 -1.68 9.72
CA ARG A 33 15.99 -2.15 10.49
C ARG A 33 15.60 -1.06 11.46
N TYR A 34 14.34 -0.65 11.44
CA TYR A 34 13.80 0.31 12.42
C TYR A 34 13.15 -0.42 13.59
N ASP A 35 13.83 -0.38 14.74
CA ASP A 35 13.60 -1.31 15.82
C ASP A 35 13.59 -0.64 17.20
N PRO A 36 12.55 0.17 17.47
CA PRO A 36 12.44 0.83 18.78
C PRO A 36 12.32 -0.15 19.96
N LEU A 37 11.75 -1.33 19.72
CA LEU A 37 11.66 -2.38 20.75
C LEU A 37 13.00 -3.11 21.00
N GLN A 38 14.05 -2.77 20.24
CA GLN A 38 15.38 -3.39 20.38
C GLN A 38 15.28 -4.92 20.42
N ASP A 39 14.38 -5.40 19.57
CA ASP A 39 13.82 -6.72 19.63
C ASP A 39 14.22 -7.56 18.40
N ASN A 40 14.90 -6.91 17.46
CA ASN A 40 15.03 -7.38 16.07
C ASN A 40 13.69 -7.74 15.40
N THR A 41 12.58 -7.20 15.93
CA THR A 41 11.24 -7.48 15.39
C THR A 41 10.80 -6.44 14.36
N GLY A 42 11.22 -5.20 14.56
CA GLY A 42 10.80 -4.12 13.70
C GLY A 42 11.10 -4.40 12.24
N GLU A 43 10.55 -3.58 11.36
CA GLU A 43 10.64 -3.85 9.94
C GLU A 43 11.90 -3.29 9.30
N VAL A 44 12.40 -4.01 8.30
CA VAL A 44 13.51 -3.57 7.46
C VAL A 44 13.01 -2.49 6.51
N VAL A 45 13.78 -1.40 6.40
CA VAL A 45 13.44 -0.25 5.56
C VAL A 45 14.64 0.20 4.73
N ALA A 46 14.37 0.98 3.69
CA ALA A 46 15.42 1.64 2.91
C ALA A 46 15.58 3.10 3.35
N VAL A 47 16.82 3.52 3.53
CA VAL A 47 17.15 4.84 4.03
C VAL A 47 18.04 5.54 3.00
N LYS A 48 17.53 6.61 2.40
CA LYS A 48 18.32 7.48 1.51
C LYS A 48 18.81 8.72 2.26
N LYS A 49 20.07 9.07 2.01
CA LYS A 49 20.69 10.28 2.56
C LYS A 49 21.69 10.87 1.54
N LEU A 50 22.51 11.84 1.96
CA LEU A 50 23.44 12.54 1.06
C LEU A 50 24.90 12.29 1.45
N GLN A 51 25.75 12.01 0.47
CA GLN A 51 27.17 11.76 0.74
C GLN A 51 27.88 13.04 1.22
N HIS A 52 28.04 14.04 0.35
CA HIS A 52 28.63 15.34 0.72
C HIS A 52 27.68 16.47 0.33
N SER A 53 27.01 17.06 1.32
CA SER A 53 25.77 17.82 1.07
C SER A 53 25.86 19.34 1.19
N THR A 54 25.60 20.01 0.08
CA THR A 54 25.40 21.46 0.07
C THR A 54 23.95 21.81 0.38
N GLU A 55 23.69 23.08 0.67
CA GLU A 55 22.33 23.57 0.94
C GLU A 55 21.47 23.52 -0.33
N GLU A 56 22.12 23.51 -1.50
CA GLU A 56 21.44 23.33 -2.76
C GLU A 56 20.96 21.87 -2.88
N HIS A 57 21.87 20.91 -2.74
CA HIS A 57 21.50 19.48 -2.76
C HIS A 57 20.39 19.21 -1.73
N LEU A 58 20.58 19.80 -0.54
CA LEU A 58 19.66 19.64 0.60
C LEU A 58 18.28 20.24 0.29
N ARG A 59 18.25 21.27 -0.56
CA ARG A 59 17.00 21.95 -0.91
C ARG A 59 16.23 21.15 -1.96
N ASP A 60 16.95 20.42 -2.80
CA ASP A 60 16.32 19.55 -3.79
C ASP A 60 15.91 18.21 -3.17
N PHE A 61 16.69 17.76 -2.20
CA PHE A 61 16.37 16.55 -1.45
C PHE A 61 15.04 16.70 -0.69
N GLU A 62 14.82 17.86 -0.08
CA GLU A 62 13.56 18.09 0.62
C GLU A 62 12.38 18.22 -0.34
N ARG A 63 12.63 18.63 -1.58
CA ARG A 63 11.58 18.61 -2.61
C ARG A 63 11.23 17.17 -3.01
N GLU A 64 12.26 16.37 -3.25
CA GLU A 64 12.12 14.95 -3.54
C GLU A 64 11.25 14.28 -2.48
N ILE A 65 11.62 14.48 -1.21
CA ILE A 65 10.88 13.97 -0.06
C ILE A 65 9.40 14.39 -0.08
N GLU A 66 9.13 15.63 -0.50
CA GLU A 66 7.75 16.08 -0.57
C GLU A 66 7.05 15.58 -1.83
N ILE A 67 7.82 15.33 -2.90
CA ILE A 67 7.26 14.67 -4.09
C ILE A 67 6.92 13.21 -3.79
N LEU A 68 7.72 12.54 -2.97
CA LEU A 68 7.46 11.13 -2.69
C LEU A 68 6.26 10.97 -1.75
N LYS A 69 6.23 11.74 -0.68
CA LYS A 69 5.07 11.76 0.23
C LYS A 69 3.77 12.06 -0.50
N SER A 70 3.85 12.91 -1.52
CA SER A 70 2.66 13.30 -2.27
C SER A 70 2.11 12.18 -3.15
N LEU A 71 2.89 11.13 -3.36
CA LEU A 71 2.52 10.07 -4.29
C LEU A 71 2.05 8.81 -3.55
N GLN A 72 0.88 8.31 -3.90
CA GLN A 72 0.36 7.08 -3.32
C GLN A 72 -0.18 6.25 -4.47
N HIS A 73 0.65 5.33 -4.95
CA HIS A 73 0.32 4.43 -6.06
C HIS A 73 1.06 3.14 -5.85
N ASP A 74 0.59 2.14 -6.59
CA ASP A 74 0.98 0.76 -6.47
C ASP A 74 2.34 0.47 -7.11
N ASN A 75 2.68 1.23 -8.16
CA ASN A 75 3.93 1.06 -8.90
C ASN A 75 4.90 2.20 -8.63
N ILE A 76 4.70 2.89 -7.49
CA ILE A 76 5.62 3.89 -6.94
C ILE A 76 6.01 3.46 -5.52
N VAL A 77 7.31 3.29 -5.28
CA VAL A 77 7.81 2.98 -3.95
C VAL A 77 7.21 3.92 -2.91
N LYS A 78 6.80 3.35 -1.77
CA LYS A 78 6.06 4.08 -0.73
C LYS A 78 6.95 4.84 0.24
N TYR A 79 6.61 6.11 0.46
CA TYR A 79 7.16 6.94 1.53
C TYR A 79 6.74 6.38 2.86
N LYS A 80 7.70 6.21 3.76
CA LYS A 80 7.45 5.78 5.14
C LYS A 80 7.51 6.97 6.08
N GLY A 81 8.62 7.69 6.00
CA GLY A 81 8.89 8.84 6.86
C GLY A 81 10.22 9.51 6.57
N VAL A 82 10.76 10.17 7.59
CA VAL A 82 11.98 10.99 7.47
C VAL A 82 12.61 11.05 8.86
N CYS A 83 13.89 11.40 8.97
CA CYS A 83 14.46 11.68 10.29
C CYS A 83 15.76 12.50 10.31
N TYR A 84 15.88 13.34 11.34
CA TYR A 84 16.99 14.28 11.51
C TYR A 84 17.74 13.94 12.81
N ARG A 89 17.85 18.91 10.57
CA ARG A 89 19.20 18.54 10.99
C ARG A 89 19.96 17.80 9.87
N ASN A 90 20.14 16.47 10.00
CA ASN A 90 20.88 15.67 9.01
C ASN A 90 19.95 14.67 8.29
N LEU A 91 19.25 15.17 7.28
CA LEU A 91 18.03 14.53 6.81
C LEU A 91 18.31 13.15 6.26
N LYS A 92 17.42 12.21 6.57
CA LYS A 92 17.39 10.88 5.96
C LYS A 92 15.96 10.60 5.48
N LEU A 93 15.83 10.08 4.26
CA LEU A 93 14.52 9.71 3.72
C LEU A 93 14.31 8.20 3.97
N ILE A 94 13.10 7.80 4.36
CA ILE A 94 12.85 6.40 4.75
C ILE A 94 11.70 5.85 3.93
N MET A 95 11.93 4.71 3.26
CA MET A 95 10.93 4.10 2.38
C MET A 95 10.85 2.58 2.58
N GLU A 96 9.81 2.00 2.01
CA GLU A 96 9.64 0.56 2.08
C GLU A 96 10.84 -0.07 1.40
N TYR A 97 11.25 -1.23 1.90
CA TYR A 97 12.34 -2.00 1.33
C TYR A 97 11.71 -2.94 0.34
N LEU A 98 12.10 -2.86 -0.92
CA LEU A 98 11.63 -3.80 -1.94
C LEU A 98 12.77 -4.79 -2.10
N PRO A 99 12.54 -6.09 -1.83
CA PRO A 99 13.64 -7.04 -1.59
C PRO A 99 14.44 -7.55 -2.80
N TYR A 100 13.99 -7.29 -4.03
CA TYR A 100 14.71 -7.84 -5.18
C TYR A 100 15.60 -6.85 -5.93
N GLY A 101 15.65 -5.60 -5.48
CA GLY A 101 16.57 -4.62 -6.04
C GLY A 101 16.12 -4.03 -7.36
N SER A 102 17.08 -3.46 -8.11
CA SER A 102 16.74 -2.77 -9.35
C SER A 102 16.38 -3.78 -10.43
N LEU A 103 15.31 -3.47 -11.17
CA LEU A 103 14.89 -4.29 -12.28
C LEU A 103 16.04 -4.54 -13.24
N ARG A 104 17.00 -3.63 -13.28
CA ARG A 104 18.12 -3.78 -14.19
C ARG A 104 18.99 -4.96 -13.78
N ASP A 105 19.32 -5.10 -12.50
CA ASP A 105 20.13 -6.24 -12.05
C ASP A 105 19.32 -7.52 -11.96
N TYR A 106 18.03 -7.39 -11.67
CA TYR A 106 17.16 -8.52 -11.47
C TYR A 106 16.98 -9.28 -12.76
N LEU A 107 16.89 -8.53 -13.86
CA LEU A 107 16.78 -9.09 -15.21
C LEU A 107 18.07 -9.78 -15.63
N GLN A 108 19.21 -9.20 -15.31
CA GLN A 108 20.49 -9.87 -15.59
C GLN A 108 20.59 -11.16 -14.82
N ALA A 109 20.12 -11.16 -13.58
CA ALA A 109 20.24 -12.33 -12.71
C ALA A 109 19.26 -13.45 -13.10
N HIS A 110 18.02 -13.10 -13.42
CA HIS A 110 16.94 -14.09 -13.56
C HIS A 110 16.27 -14.15 -14.94
N ALA A 111 17.02 -13.95 -16.01
CA ALA A 111 16.43 -14.01 -17.39
C ALA A 111 15.63 -15.29 -17.71
N GLU A 112 16.06 -16.44 -17.17
CA GLU A 112 15.48 -17.72 -17.60
C GLU A 112 14.01 -17.86 -17.23
N ARG A 113 13.57 -17.15 -16.19
CA ARG A 113 12.16 -17.22 -15.77
C ARG A 113 11.45 -15.88 -15.98
N ILE A 114 12.03 -15.05 -16.85
CA ILE A 114 11.40 -13.81 -17.28
C ILE A 114 11.20 -13.91 -18.79
N ASP A 115 9.95 -14.16 -19.19
CA ASP A 115 9.61 -14.30 -20.59
C ASP A 115 9.00 -12.99 -21.08
N HIS A 116 8.63 -12.95 -22.36
CA HIS A 116 8.13 -11.70 -22.93
C HIS A 116 6.84 -11.26 -22.28
N ILE A 117 5.91 -12.18 -22.03
CA ILE A 117 4.69 -11.84 -21.29
C ILE A 117 5.10 -11.12 -20.00
N LYS A 118 6.19 -11.58 -19.38
CA LYS A 118 6.70 -10.97 -18.16
C LYS A 118 7.31 -9.56 -18.41
N LEU A 119 8.20 -9.44 -19.37
CA LEU A 119 8.62 -8.09 -19.77
C LEU A 119 7.41 -7.16 -19.93
N LEU A 120 6.38 -7.57 -20.68
CA LEU A 120 5.25 -6.67 -20.91
C LEU A 120 4.49 -6.37 -19.63
N GLN A 121 4.55 -7.28 -18.65
CA GLN A 121 3.92 -7.03 -17.37
C GLN A 121 4.58 -5.84 -16.66
N TYR A 122 5.88 -5.92 -16.50
CA TYR A 122 6.60 -4.79 -15.92
C TYR A 122 6.34 -3.49 -16.68
N THR A 123 6.43 -3.59 -18.01
CA THR A 123 6.20 -2.44 -18.90
C THR A 123 4.90 -1.73 -18.55
N SER A 124 3.82 -2.47 -18.43
CA SER A 124 2.53 -1.84 -18.18
C SER A 124 2.43 -1.30 -16.77
N GLN A 125 3.21 -1.87 -15.85
CA GLN A 125 3.23 -1.39 -14.47
C GLN A 125 3.96 -0.06 -14.39
N ILE A 126 5.03 0.07 -15.18
CA ILE A 126 5.76 1.35 -15.33
C ILE A 126 4.92 2.45 -15.98
N CYS A 127 4.18 2.14 -17.05
CA CYS A 127 3.30 3.15 -17.69
C CYS A 127 2.27 3.64 -16.72
N LYS A 128 1.66 2.69 -16.00
CA LYS A 128 0.65 3.01 -15.01
C LYS A 128 1.25 3.93 -13.95
N GLY A 129 2.50 3.68 -13.57
CA GLY A 129 3.16 4.52 -12.59
C GLY A 129 3.39 5.91 -13.16
N MET A 130 3.84 5.97 -14.41
CA MET A 130 4.03 7.26 -15.10
C MET A 130 2.71 8.02 -15.31
N GLU A 131 1.69 7.34 -15.85
CA GLU A 131 0.36 7.92 -15.93
C GLU A 131 -0.01 8.67 -14.65
N TYR A 132 0.19 8.01 -13.52
CA TYR A 132 -0.13 8.59 -12.24
C TYR A 132 0.71 9.81 -11.99
N LEU A 133 2.00 9.72 -12.26
CA LEU A 133 2.89 10.90 -12.11
C LEU A 133 2.36 12.06 -12.94
N GLY A 134 1.98 11.75 -14.18
CA GLY A 134 1.41 12.73 -15.13
C GLY A 134 0.22 13.48 -14.55
N THR A 135 -0.69 12.75 -13.89
CA THR A 135 -1.87 13.40 -13.33
C THR A 135 -1.50 14.32 -12.16
N LYS A 136 -0.28 14.21 -11.65
CA LYS A 136 0.22 15.20 -10.67
C LYS A 136 1.16 16.24 -11.31
N ARG A 137 1.24 16.21 -12.63
CA ARG A 137 2.13 17.10 -13.36
C ARG A 137 3.61 17.00 -12.92
N TYR A 138 4.04 15.83 -12.49
CA TYR A 138 5.46 15.59 -12.20
C TYR A 138 6.14 15.03 -13.44
N ILE A 139 7.41 15.39 -13.57
CA ILE A 139 8.24 14.95 -14.68
C ILE A 139 9.42 14.19 -14.10
N HIS A 140 9.60 12.94 -14.50
CA HIS A 140 10.53 12.06 -13.80
C HIS A 140 11.97 12.38 -14.08
N ARG A 141 12.31 12.42 -15.36
CA ARG A 141 13.65 12.82 -15.88
C ARG A 141 14.75 11.74 -15.89
N ASP A 142 14.52 10.62 -15.21
CA ASP A 142 15.54 9.60 -15.06
C ASP A 142 14.94 8.20 -15.21
N LEU A 143 13.97 8.05 -16.11
CA LEU A 143 13.37 6.72 -16.35
C LEU A 143 14.40 5.80 -17.01
N ALA A 144 14.79 4.77 -16.27
CA ALA A 144 15.71 3.76 -16.77
C ALA A 144 15.50 2.54 -15.86
N THR A 145 15.87 1.38 -16.33
CA THR A 145 15.66 0.16 -15.57
C THR A 145 16.37 0.18 -14.21
N ARG A 146 17.49 0.88 -14.12
CA ARG A 146 18.19 0.96 -12.83
C ARG A 146 17.46 1.76 -11.75
N ASN A 147 16.37 2.44 -12.12
CA ASN A 147 15.53 3.19 -11.18
C ASN A 147 14.15 2.55 -11.00
N ILE A 148 14.04 1.29 -11.36
CA ILE A 148 12.82 0.55 -11.16
C ILE A 148 13.12 -0.57 -10.16
N LEU A 149 12.34 -0.64 -9.10
CA LEU A 149 12.57 -1.65 -8.09
C LEU A 149 11.62 -2.81 -8.31
N VAL A 150 12.08 -4.01 -8.02
CA VAL A 150 11.24 -5.21 -8.04
C VAL A 150 10.79 -5.57 -6.63
N GLU A 151 9.47 -5.56 -6.38
CA GLU A 151 8.91 -6.00 -5.10
C GLU A 151 8.80 -7.51 -5.04
N ASN A 152 8.30 -8.11 -6.12
CA ASN A 152 8.29 -9.55 -6.26
C ASN A 152 8.13 -9.91 -7.74
N GLU A 153 8.08 -11.19 -8.02
CA GLU A 153 7.94 -11.73 -9.37
C GLU A 153 6.93 -11.03 -10.27
N ASN A 154 5.88 -10.49 -9.67
CA ASN A 154 4.73 -9.98 -10.40
C ASN A 154 4.49 -8.49 -10.21
N ARG A 155 5.42 -7.78 -9.57
CA ARG A 155 5.24 -6.38 -9.34
C ARG A 155 6.55 -5.62 -9.28
N VAL A 156 6.61 -4.54 -10.06
CA VAL A 156 7.72 -3.60 -10.01
C VAL A 156 7.24 -2.20 -9.62
N LYS A 157 8.16 -1.37 -9.16
CA LYS A 157 7.79 -0.01 -8.83
C LYS A 157 8.88 0.97 -9.23
N ILE A 158 8.47 2.13 -9.74
CA ILE A 158 9.37 3.25 -9.94
C ILE A 158 9.90 3.56 -8.57
N GLY A 159 11.22 3.58 -8.42
CA GLY A 159 11.84 3.51 -7.11
C GLY A 159 12.80 4.61 -6.73
N ASP A 160 12.96 5.60 -7.59
CA ASP A 160 13.78 6.79 -7.28
C ASP A 160 13.22 8.02 -7.97
N PHE A 161 13.35 9.15 -7.29
CA PHE A 161 12.74 10.40 -7.74
C PHE A 161 13.71 11.58 -7.53
N GLY A 162 15.00 11.32 -7.73
CA GLY A 162 16.05 12.26 -7.38
C GLY A 162 16.16 13.39 -8.39
N LEU A 163 15.64 13.15 -9.59
CA LEU A 163 15.61 14.17 -10.62
C LEU A 163 14.19 14.60 -11.00
N THR A 164 13.16 14.11 -10.32
CA THR A 164 11.78 14.46 -10.67
C THR A 164 11.45 15.95 -10.39
N LYS A 165 10.66 16.56 -11.27
CA LYS A 165 10.33 18.00 -11.21
C LYS A 165 8.83 18.25 -11.36
N VAL A 166 8.33 19.32 -10.74
CA VAL A 166 6.93 19.72 -10.85
C VAL A 166 6.77 20.74 -11.97
N LEU A 167 5.92 20.43 -12.95
CA LEU A 167 5.61 21.37 -14.02
C LEU A 167 5.04 22.66 -13.43
N PRO A 168 5.48 23.82 -13.97
CA PRO A 168 4.84 25.08 -13.58
C PRO A 168 3.37 25.15 -14.04
N GLN A 169 2.56 25.93 -13.32
CA GLN A 169 1.11 25.98 -13.56
C GLN A 169 0.81 26.33 -15.01
N ASP A 170 1.46 27.37 -15.53
CA ASP A 170 1.23 27.77 -16.92
C ASP A 170 1.90 26.81 -17.92
N LYS A 171 3.23 26.77 -17.90
CA LYS A 171 4.01 26.03 -18.90
C LYS A 171 3.92 24.52 -18.69
N GLU A 172 3.75 23.77 -19.77
CA GLU A 172 3.65 22.31 -19.70
C GLU A 172 4.98 21.63 -20.10
N PTR A 173 6.08 22.24 -19.67
CA PTR A 173 7.40 21.64 -19.73
C PTR A 173 8.22 22.39 -18.71
O PTR A 173 7.78 23.39 -18.16
CB PTR A 173 7.97 21.71 -21.15
CG PTR A 173 8.44 23.08 -21.56
CD1 PTR A 173 9.65 23.56 -21.05
CD2 PTR A 173 7.70 23.89 -22.44
CE1 PTR A 173 10.11 24.81 -21.39
CE2 PTR A 173 8.17 25.15 -22.79
CZ PTR A 173 9.38 25.62 -22.25
OH PTR A 173 9.95 26.84 -22.51
P PTR A 173 9.18 28.00 -23.29
O1P PTR A 173 7.85 28.13 -22.58
O2P PTR A 173 9.11 27.50 -24.72
O3P PTR A 173 10.11 29.17 -23.05
N PTR A 174 9.43 21.91 -18.45
CA PTR A 174 10.32 22.51 -17.43
C PTR A 174 11.72 22.55 -17.98
O PTR A 174 12.12 21.64 -18.71
CB PTR A 174 10.23 21.63 -16.20
CG PTR A 174 11.06 22.10 -15.03
CD1 PTR A 174 10.45 22.67 -13.91
CD2 PTR A 174 12.44 21.93 -15.04
CE1 PTR A 174 11.21 23.09 -12.83
CE2 PTR A 174 13.20 22.35 -13.95
CZ PTR A 174 12.60 22.94 -12.85
OH PTR A 174 13.41 23.31 -11.82
P PTR A 174 13.29 24.69 -11.01
O1P PTR A 174 13.11 25.74 -12.10
O2P PTR A 174 14.61 24.71 -10.29
O3P PTR A 174 12.06 24.52 -10.13
N LYS A 175 12.48 23.58 -17.62
CA LYS A 175 13.83 23.79 -18.13
C LYS A 175 14.87 23.67 -17.01
N VAL A 176 15.98 23.01 -17.32
CA VAL A 176 17.12 22.86 -16.41
C VAL A 176 18.39 23.47 -17.03
N GLU A 181 26.79 16.01 -14.59
CA GLU A 181 26.61 14.75 -15.28
C GLU A 181 25.13 14.39 -15.42
N SER A 182 24.80 13.78 -16.55
CA SER A 182 23.41 13.43 -16.86
C SER A 182 23.35 12.20 -17.79
N PRO A 183 22.21 11.51 -17.82
CA PRO A 183 22.07 10.24 -18.52
C PRO A 183 21.68 10.43 -19.98
N ILE A 184 22.60 10.99 -20.76
CA ILE A 184 22.26 11.49 -22.10
C ILE A 184 21.76 10.42 -23.06
N PHE A 185 22.11 9.16 -22.81
CA PHE A 185 21.66 8.11 -23.69
C PHE A 185 20.20 7.73 -23.49
N TRP A 186 19.52 8.38 -22.54
CA TRP A 186 18.08 8.23 -22.36
C TRP A 186 17.29 9.51 -22.72
N TYR A 187 17.99 10.58 -23.07
CA TYR A 187 17.35 11.90 -23.25
C TYR A 187 16.71 12.13 -24.61
N ALA A 188 15.57 12.82 -24.61
CA ALA A 188 14.94 13.24 -25.84
C ALA A 188 15.81 14.32 -26.50
N PRO A 189 15.68 14.51 -27.81
CA PRO A 189 16.45 15.54 -28.49
C PRO A 189 16.30 16.94 -27.87
N GLU A 190 15.08 17.33 -27.55
CA GLU A 190 14.85 18.67 -27.00
C GLU A 190 15.52 18.85 -25.63
N SER A 191 15.71 17.77 -24.89
CA SER A 191 16.39 17.81 -23.58
C SER A 191 17.88 17.97 -23.76
N LEU A 192 18.39 17.39 -24.84
CA LEU A 192 19.79 17.50 -25.17
C LEU A 192 20.14 18.90 -25.67
N THR A 193 19.22 19.50 -26.44
CA THR A 193 19.51 20.77 -27.15
C THR A 193 19.01 21.99 -26.38
N GLU A 194 17.87 21.85 -25.67
CA GLU A 194 17.24 22.99 -25.00
C GLU A 194 16.99 22.76 -23.52
N SER A 195 17.40 21.60 -22.99
CA SER A 195 17.13 21.22 -21.61
C SER A 195 15.65 21.26 -21.25
N LYS A 196 14.81 20.89 -22.22
CA LYS A 196 13.37 20.84 -22.02
C LYS A 196 12.89 19.46 -21.62
N PHE A 197 12.28 19.36 -20.44
CA PHE A 197 11.76 18.09 -19.94
C PHE A 197 10.24 18.17 -19.80
N SER A 198 9.55 17.15 -20.29
CA SER A 198 8.09 17.16 -20.26
C SER A 198 7.59 15.71 -20.17
N VAL A 199 6.27 15.51 -20.21
CA VAL A 199 5.71 14.18 -20.24
C VAL A 199 6.17 13.49 -21.51
N ALA A 200 6.33 14.26 -22.58
CA ALA A 200 6.84 13.75 -23.84
C ALA A 200 8.29 13.28 -23.76
N SER A 201 9.13 13.94 -22.97
CA SER A 201 10.52 13.46 -22.82
C SER A 201 10.57 12.22 -21.89
N ASP A 202 9.73 12.17 -20.88
CA ASP A 202 9.58 10.92 -20.12
C ASP A 202 9.16 9.78 -21.03
N VAL A 203 8.35 10.06 -22.04
CA VAL A 203 7.88 9.00 -22.94
C VAL A 203 9.03 8.54 -23.81
N TRP A 204 9.79 9.49 -24.34
CA TRP A 204 11.00 9.14 -25.05
C TRP A 204 11.77 8.18 -24.16
N SER A 205 12.01 8.56 -22.91
CA SER A 205 12.83 7.75 -22.03
C SER A 205 12.17 6.38 -21.82
N PHE A 206 10.86 6.36 -21.62
CA PHE A 206 10.14 5.09 -21.51
C PHE A 206 10.41 4.15 -22.66
N GLY A 207 10.57 4.71 -23.85
CA GLY A 207 10.89 3.91 -25.00
C GLY A 207 12.21 3.23 -24.79
N VAL A 208 13.15 3.92 -24.14
CA VAL A 208 14.48 3.37 -23.89
C VAL A 208 14.36 2.29 -22.82
N VAL A 209 13.49 2.51 -21.85
CA VAL A 209 13.26 1.51 -20.84
C VAL A 209 12.72 0.23 -21.48
N LEU A 210 11.81 0.37 -22.44
CA LEU A 210 11.26 -0.78 -23.15
C LEU A 210 12.30 -1.45 -24.02
N TYR A 211 13.19 -0.66 -24.60
CA TYR A 211 14.31 -1.21 -25.34
C TYR A 211 15.15 -2.06 -24.38
N GLU A 212 15.59 -1.46 -23.27
CA GLU A 212 16.37 -2.16 -22.25
C GLU A 212 15.82 -3.55 -21.91
N LEU A 213 14.57 -3.59 -21.45
CA LEU A 213 13.91 -4.82 -21.10
C LEU A 213 14.14 -5.89 -22.17
N PHE A 214 13.85 -5.57 -23.43
CA PHE A 214 13.92 -6.59 -24.48
C PHE A 214 15.35 -6.92 -24.91
N THR A 215 16.33 -6.17 -24.42
CA THR A 215 17.72 -6.58 -24.63
C THR A 215 18.16 -7.52 -23.53
N TYR A 216 17.37 -7.63 -22.48
CA TYR A 216 17.72 -8.38 -21.27
C TYR A 216 19.01 -7.89 -20.63
N ILE A 217 19.29 -6.60 -20.83
CA ILE A 217 20.51 -5.98 -20.39
C ILE A 217 21.76 -6.76 -20.78
N GLU A 218 21.79 -7.24 -22.01
CA GLU A 218 23.01 -7.80 -22.59
C GLU A 218 24.02 -6.64 -22.68
N LYS A 219 25.05 -6.63 -21.83
CA LYS A 219 25.84 -5.39 -21.57
C LYS A 219 26.21 -4.56 -22.83
N SER A 220 26.58 -5.25 -23.91
CA SER A 220 26.95 -4.60 -25.17
C SER A 220 25.74 -4.18 -26.03
N LYS A 221 24.53 -4.35 -25.52
CA LYS A 221 23.32 -3.86 -26.16
C LYS A 221 22.72 -2.72 -25.35
N SER A 222 23.36 -2.35 -24.26
CA SER A 222 22.94 -1.20 -23.48
C SER A 222 22.87 0.04 -24.39
N PRO A 223 21.97 0.99 -24.06
CA PRO A 223 21.85 2.16 -24.92
C PRO A 223 23.15 2.95 -25.14
N PRO A 224 24.04 3.05 -24.11
CA PRO A 224 25.35 3.68 -24.36
C PRO A 224 26.24 2.93 -25.33
N ALA A 225 26.35 1.61 -25.19
CA ALA A 225 27.22 0.84 -26.09
C ALA A 225 26.78 0.97 -27.54
N GLU A 226 25.46 0.89 -27.76
CA GLU A 226 24.89 0.93 -29.12
C GLU A 226 25.04 2.29 -29.75
N PHE A 227 24.69 3.33 -29.01
CA PHE A 227 24.89 4.68 -29.50
C PHE A 227 26.37 4.95 -29.78
N MET A 228 27.28 4.53 -28.89
CA MET A 228 28.71 4.81 -29.13
C MET A 228 29.18 4.07 -30.39
N ARG A 229 28.69 2.85 -30.58
CA ARG A 229 28.96 2.11 -31.80
CA ARG A 229 28.91 2.09 -31.82
C ARG A 229 28.58 2.95 -33.03
N MET A 230 27.41 3.59 -32.97
CA MET A 230 26.88 4.36 -34.10
C MET A 230 27.66 5.67 -34.32
N ILE A 231 27.92 6.39 -33.22
CA ILE A 231 28.75 7.60 -33.23
C ILE A 231 30.23 7.35 -33.64
N GLY A 232 30.72 6.13 -33.42
CA GLY A 232 32.15 5.84 -33.47
C GLY A 232 32.64 5.83 -32.02
N ASN A 233 33.30 4.75 -31.62
CA ASN A 233 33.79 4.61 -30.24
C ASN A 233 34.97 5.52 -29.96
N ASP A 234 35.63 5.97 -31.04
CA ASP A 234 36.73 6.92 -30.98
C ASP A 234 36.31 8.34 -30.53
N LYS A 235 35.03 8.66 -30.68
CA LYS A 235 34.49 9.95 -30.22
C LYS A 235 34.49 10.02 -28.68
N GLN A 236 34.97 11.13 -28.14
CA GLN A 236 35.23 11.25 -26.70
C GLN A 236 34.91 12.62 -26.10
N GLY A 237 34.88 12.65 -24.78
CA GLY A 237 34.66 13.88 -24.04
C GLY A 237 33.31 14.49 -24.31
N GLN A 238 33.31 15.78 -24.67
CA GLN A 238 32.10 16.58 -24.70
C GLN A 238 31.46 16.59 -26.09
N MET A 239 32.15 16.00 -27.08
CA MET A 239 31.62 15.87 -28.45
C MET A 239 30.58 14.74 -28.60
N ILE A 240 30.64 13.76 -27.71
CA ILE A 240 29.70 12.67 -27.72
C ILE A 240 28.27 13.20 -27.80
N VAL A 241 27.92 14.12 -26.90
CA VAL A 241 26.57 14.71 -26.87
C VAL A 241 26.17 15.39 -28.18
N PHE A 242 27.13 16.00 -28.87
CA PHE A 242 26.80 16.69 -30.11
CA PHE A 242 26.83 16.70 -30.14
C PHE A 242 26.59 15.71 -31.26
N HIS A 243 27.43 14.69 -31.33
CA HIS A 243 27.25 13.63 -32.32
C HIS A 243 25.98 12.83 -32.06
N LEU A 244 25.63 12.62 -30.80
CA LEU A 244 24.36 12.01 -30.44
C LEU A 244 23.19 12.85 -30.95
N ILE A 245 23.31 14.18 -30.85
CA ILE A 245 22.26 15.08 -31.30
C ILE A 245 22.07 15.00 -32.82
N GLU A 246 23.17 14.88 -33.55
CA GLU A 246 23.09 14.79 -35.02
C GLU A 246 22.52 13.44 -35.46
N LEU A 247 22.90 12.37 -34.75
CA LEU A 247 22.40 11.03 -35.04
C LEU A 247 20.88 11.00 -34.92
N LEU A 248 20.37 11.56 -33.83
CA LEU A 248 18.94 11.57 -33.56
C LEU A 248 18.18 12.48 -34.54
N LYS A 249 18.79 13.62 -34.93
CA LYS A 249 18.23 14.48 -35.99
C LYS A 249 18.11 13.75 -37.33
N ASN A 250 19.13 12.98 -37.72
CA ASN A 250 19.10 12.20 -38.97
C ASN A 250 18.38 10.85 -38.84
N ASN A 251 17.49 10.75 -37.86
CA ASN A 251 16.70 9.54 -37.62
C ASN A 251 17.48 8.26 -37.31
N GLY A 252 18.74 8.39 -36.88
CA GLY A 252 19.47 7.27 -36.30
C GLY A 252 18.74 6.88 -35.03
N ARG A 253 18.63 5.58 -34.77
CA ARG A 253 17.86 5.07 -33.63
C ARG A 253 18.45 3.77 -33.03
N LEU A 254 18.10 3.47 -31.79
CA LEU A 254 18.54 2.20 -31.19
C LEU A 254 17.91 1.07 -31.99
N PRO A 255 18.69 0.03 -32.35
CA PRO A 255 18.13 -0.99 -33.22
C PRO A 255 17.10 -1.87 -32.50
N ARG A 256 16.35 -2.65 -33.28
CA ARG A 256 15.49 -3.67 -32.71
C ARG A 256 16.35 -4.77 -32.05
N PRO A 257 16.15 -5.03 -30.76
CA PRO A 257 16.95 -6.10 -30.12
C PRO A 257 16.48 -7.50 -30.47
N ASP A 258 17.35 -8.48 -30.25
CA ASP A 258 17.07 -9.85 -30.68
C ASP A 258 15.78 -10.39 -30.07
N GLY A 259 14.97 -10.99 -30.91
CA GLY A 259 13.72 -11.56 -30.46
C GLY A 259 12.64 -10.55 -30.13
N CYS A 260 12.94 -9.27 -30.21
CA CYS A 260 11.90 -8.30 -30.00
C CYS A 260 10.92 -8.42 -31.20
N PRO A 261 9.63 -8.68 -30.92
CA PRO A 261 8.67 -8.70 -32.05
C PRO A 261 8.42 -7.30 -32.59
N ASP A 262 8.33 -7.17 -33.92
CA ASP A 262 8.22 -5.86 -34.58
C ASP A 262 7.15 -4.96 -33.97
N GLU A 263 6.05 -5.53 -33.53
CA GLU A 263 4.94 -4.75 -32.97
C GLU A 263 5.47 -3.95 -31.81
N ILE A 264 6.39 -4.55 -31.07
CA ILE A 264 6.93 -3.91 -29.87
C ILE A 264 8.03 -2.89 -30.19
N TYR A 265 8.91 -3.22 -31.13
CA TYR A 265 9.83 -2.23 -31.67
C TYR A 265 9.09 -0.97 -32.13
N MET A 266 7.97 -1.15 -32.80
CA MET A 266 7.16 -0.01 -33.26
C MET A 266 6.72 0.92 -32.13
N ILE A 267 6.41 0.36 -30.96
CA ILE A 267 6.10 1.21 -29.80
C ILE A 267 7.31 2.04 -29.38
N MET A 268 8.50 1.45 -29.42
CA MET A 268 9.72 2.18 -29.11
C MET A 268 9.92 3.31 -30.11
N THR A 269 9.85 2.99 -31.40
CA THR A 269 10.18 3.95 -32.45
C THR A 269 9.17 5.10 -32.45
N GLU A 270 7.94 4.81 -32.04
CA GLU A 270 6.92 5.83 -31.92
C GLU A 270 7.12 6.67 -30.67
N CYS A 271 7.72 6.10 -29.63
CA CYS A 271 8.12 6.88 -28.47
C CYS A 271 9.31 7.79 -28.81
N TRP A 272 10.14 7.36 -29.77
CA TRP A 272 11.33 8.12 -30.17
C TRP A 272 11.10 8.95 -31.42
N ASN A 273 10.09 9.81 -31.33
CA ASN A 273 9.74 10.67 -32.42
C ASN A 273 10.35 12.03 -32.13
N ASN A 274 11.09 12.58 -33.10
CA ASN A 274 11.68 13.90 -32.95
C ASN A 274 10.61 14.96 -32.68
N ASN A 275 9.40 14.74 -33.17
CA ASN A 275 8.29 15.65 -32.89
C ASN A 275 7.65 15.36 -31.55
N VAL A 276 7.70 16.33 -30.65
CA VAL A 276 7.28 16.13 -29.27
C VAL A 276 5.82 15.71 -29.08
N ASN A 277 4.88 16.39 -29.72
CA ASN A 277 3.45 16.06 -29.50
C ASN A 277 2.92 14.94 -30.36
N GLN A 278 3.73 14.43 -31.29
CA GLN A 278 3.40 13.19 -31.98
C GLN A 278 3.75 11.95 -31.13
N ARG A 279 4.30 12.12 -29.94
CA ARG A 279 4.64 10.98 -29.10
C ARG A 279 3.41 10.51 -28.34
N PRO A 280 3.25 9.18 -28.17
CA PRO A 280 2.06 8.62 -27.49
C PRO A 280 1.93 9.09 -26.05
N SER A 281 0.73 9.03 -25.49
CA SER A 281 0.53 9.26 -24.06
C SER A 281 0.79 7.98 -23.27
N PHE A 282 0.99 8.10 -21.96
CA PHE A 282 1.11 6.91 -21.14
C PHE A 282 -0.20 6.14 -21.05
N ARG A 283 -1.33 6.78 -21.40
CA ARG A 283 -2.59 6.05 -21.51
C ARG A 283 -2.53 5.20 -22.76
N ASP A 284 -2.35 5.83 -23.91
CA ASP A 284 -2.14 5.09 -25.15
C ASP A 284 -1.26 3.86 -24.88
N LEU A 285 -0.09 4.06 -24.29
CA LEU A 285 0.91 3.01 -24.11
C LEU A 285 0.45 1.92 -23.17
N ALA A 286 -0.09 2.31 -22.03
CA ALA A 286 -0.63 1.34 -21.07
C ALA A 286 -1.58 0.37 -21.78
N LEU A 287 -2.56 0.92 -22.49
CA LEU A 287 -3.58 0.11 -23.16
C LEU A 287 -2.99 -0.70 -24.30
N ARG A 288 -2.11 -0.10 -25.09
CA ARG A 288 -1.52 -0.78 -26.25
C ARG A 288 -0.60 -1.90 -25.84
N VAL A 289 0.03 -1.78 -24.67
CA VAL A 289 0.91 -2.84 -24.16
C VAL A 289 0.05 -4.00 -23.65
N ASP A 290 -0.99 -3.69 -22.88
CA ASP A 290 -1.90 -4.72 -22.33
C ASP A 290 -2.56 -5.55 -23.45
N GLN A 291 -3.04 -4.87 -24.49
CA GLN A 291 -3.70 -5.57 -25.60
C GLN A 291 -2.72 -6.53 -26.28
N ILE A 292 -1.50 -6.06 -26.52
CA ILE A 292 -0.42 -6.92 -27.02
C ILE A 292 -0.13 -8.10 -26.06
N ARG A 293 -0.14 -7.84 -24.75
CA ARG A 293 0.15 -8.86 -23.75
C ARG A 293 -0.81 -10.05 -23.91
N ASP A 294 -2.11 -9.74 -23.97
CA ASP A 294 -3.16 -10.75 -23.95
C ASP A 294 -3.21 -11.65 -25.18
N GLN A 295 -2.41 -11.37 -26.20
CA GLN A 295 -2.46 -12.11 -27.46
C GLN A 295 -1.27 -13.06 -27.68
N MET A 296 -0.43 -13.23 -26.65
CA MET A 296 0.72 -14.13 -26.74
C MET A 296 0.48 -15.39 -25.93
N GLN B 9 8.64 -12.03 31.56
CA GLN B 9 8.01 -12.69 32.74
C GLN B 9 7.12 -11.67 33.46
N PHE B 10 5.81 -11.90 33.45
CA PHE B 10 4.86 -11.00 34.11
C PHE B 10 4.22 -11.67 35.34
N GLU B 11 4.54 -11.17 36.54
CA GLU B 11 4.00 -11.71 37.80
C GLU B 11 2.73 -10.97 38.27
N GLU B 12 1.69 -11.71 38.68
CA GLU B 12 0.36 -11.10 39.00
C GLU B 12 0.27 -10.22 40.27
N ARG B 13 1.09 -10.54 41.27
CA ARG B 13 1.27 -9.66 42.44
C ARG B 13 1.66 -8.21 42.09
N HIS B 14 2.25 -8.00 40.92
CA HIS B 14 2.70 -6.66 40.49
C HIS B 14 1.68 -5.86 39.65
N LEU B 15 0.53 -6.46 39.33
CA LEU B 15 -0.54 -5.76 38.59
C LEU B 15 -1.39 -4.96 39.56
N LYS B 16 -1.31 -3.63 39.48
CA LYS B 16 -2.11 -2.74 40.30
C LYS B 16 -3.37 -2.33 39.51
N PHE B 17 -4.55 -2.51 40.11
CA PHE B 17 -5.82 -2.20 39.44
C PHE B 17 -6.08 -0.69 39.30
N LEU B 18 -6.38 -0.24 38.08
CA LEU B 18 -6.72 1.15 37.84
C LEU B 18 -8.22 1.30 37.58
N GLN B 19 -8.71 0.63 36.54
CA GLN B 19 -10.16 0.65 36.25
C GLN B 19 -10.63 -0.50 35.35
N GLN B 20 -11.95 -0.65 35.33
CA GLN B 20 -12.63 -1.59 34.45
C GLN B 20 -12.73 -1.00 33.04
N LEU B 21 -12.10 -1.64 32.05
CA LEU B 21 -12.16 -1.16 30.67
C LEU B 21 -13.37 -1.75 29.92
N GLY B 22 -13.82 -2.94 30.33
CA GLY B 22 -15.07 -3.51 29.80
C GLY B 22 -15.28 -5.00 30.05
N LYS B 23 -16.14 -5.60 29.23
CA LYS B 23 -16.37 -7.05 29.21
C LYS B 23 -16.12 -7.58 27.77
N GLY B 24 -15.20 -8.55 27.64
CA GLY B 24 -14.74 -9.07 26.34
C GLY B 24 -15.65 -10.13 25.75
N ASN B 25 -15.20 -11.40 25.76
CA ASN B 25 -16.00 -12.53 25.24
C ASN B 25 -16.95 -13.09 26.29
N PHE B 26 -16.48 -14.08 27.07
CA PHE B 26 -17.16 -14.50 28.30
C PHE B 26 -16.23 -14.12 29.47
N GLY B 27 -15.65 -12.92 29.36
CA GLY B 27 -14.64 -12.45 30.31
C GLY B 27 -14.59 -10.94 30.43
N SER B 28 -13.45 -10.40 30.79
CA SER B 28 -13.31 -8.96 31.02
C SER B 28 -11.90 -8.44 30.69
N VAL B 29 -11.84 -7.14 30.44
CA VAL B 29 -10.61 -6.42 30.15
C VAL B 29 -10.47 -5.29 31.15
N GLU B 30 -9.24 -4.96 31.54
CA GLU B 30 -9.03 -3.85 32.48
C GLU B 30 -7.63 -3.23 32.45
N MET B 31 -7.58 -1.99 32.92
CA MET B 31 -6.38 -1.19 32.86
C MET B 31 -5.64 -1.38 34.17
N CYS B 32 -4.38 -1.76 34.06
CA CYS B 32 -3.54 -1.97 35.23
C CYS B 32 -2.14 -1.46 34.95
N ARG B 33 -1.37 -1.27 36.02
CA ARG B 33 0.03 -0.93 35.91
C ARG B 33 0.81 -2.17 36.31
N TYR B 34 1.74 -2.58 35.46
CA TYR B 34 2.70 -3.61 35.83
C TYR B 34 3.85 -2.84 36.44
N ASP B 35 4.02 -3.02 37.75
CA ASP B 35 4.85 -2.15 38.57
C ASP B 35 5.62 -2.99 39.59
N PRO B 36 6.67 -3.69 39.14
CA PRO B 36 7.39 -4.58 40.04
C PRO B 36 8.24 -3.81 41.06
N LEU B 37 8.70 -2.63 40.66
CA LEU B 37 9.50 -1.76 41.52
C LEU B 37 8.66 -1.06 42.60
N GLN B 38 7.34 -1.10 42.46
CA GLN B 38 6.42 -0.55 43.46
C GLN B 38 6.60 0.97 43.70
N ASP B 39 6.98 1.70 42.66
CA ASP B 39 7.15 3.17 42.72
C ASP B 39 6.33 3.92 41.65
N ASN B 40 5.35 3.24 41.08
CA ASN B 40 4.46 3.85 40.08
C ASN B 40 5.12 4.14 38.72
N THR B 41 6.35 3.67 38.53
CA THR B 41 7.06 3.91 37.27
C THR B 41 6.68 2.93 36.17
N GLY B 42 6.19 1.75 36.56
CA GLY B 42 5.78 0.76 35.59
C GLY B 42 4.75 1.29 34.62
N GLU B 43 4.69 0.73 33.42
CA GLU B 43 3.81 1.27 32.38
C GLU B 43 2.42 0.65 32.45
N VAL B 44 1.43 1.42 31.99
CA VAL B 44 0.04 0.99 31.99
C VAL B 44 -0.22 0.00 30.84
N VAL B 45 -1.02 -1.04 31.12
CA VAL B 45 -1.28 -2.16 30.19
C VAL B 45 -2.76 -2.57 30.20
N ALA B 46 -3.21 -3.14 29.09
CA ALA B 46 -4.55 -3.71 29.00
C ALA B 46 -4.45 -5.17 29.45
N VAL B 47 -5.35 -5.61 30.34
CA VAL B 47 -5.35 -6.97 30.90
C VAL B 47 -6.69 -7.63 30.60
N LYS B 48 -6.68 -8.73 29.86
CA LYS B 48 -7.92 -9.48 29.54
C LYS B 48 -7.90 -10.81 30.26
N LYS B 49 -9.08 -11.25 30.69
CA LYS B 49 -9.21 -12.47 31.48
C LYS B 49 -10.61 -13.05 31.31
N LEU B 50 -10.91 -14.14 31.98
CA LEU B 50 -12.19 -14.83 31.76
C LEU B 50 -13.25 -14.62 32.85
N HIS B 57 -14.83 -21.18 28.37
CA HIS B 57 -14.29 -20.96 27.03
C HIS B 57 -12.75 -20.85 27.02
N LEU B 58 -12.06 -21.50 27.94
CA LEU B 58 -10.60 -21.40 28.07
C LEU B 58 -9.81 -21.83 26.83
N ARG B 59 -10.29 -22.87 26.14
CA ARG B 59 -9.58 -23.38 24.96
C ARG B 59 -9.34 -22.27 23.96
N ASP B 60 -10.45 -21.64 23.55
CA ASP B 60 -10.42 -20.50 22.66
C ASP B 60 -9.43 -19.41 23.12
N PHE B 61 -9.41 -19.13 24.42
CA PHE B 61 -8.55 -18.09 24.98
C PHE B 61 -7.05 -18.38 24.76
N GLU B 62 -6.64 -19.63 24.90
CA GLU B 62 -5.26 -20.01 24.60
C GLU B 62 -4.97 -19.77 23.12
N ARG B 63 -5.94 -20.09 22.26
CA ARG B 63 -5.77 -19.92 20.83
C ARG B 63 -5.62 -18.43 20.49
N GLU B 64 -6.50 -17.60 21.07
CA GLU B 64 -6.41 -16.14 20.94
C GLU B 64 -5.06 -15.59 21.32
N ILE B 65 -4.52 -16.03 22.46
CA ILE B 65 -3.26 -15.53 22.96
C ILE B 65 -2.13 -15.85 22.01
N GLU B 66 -2.13 -17.05 21.43
CA GLU B 66 -1.10 -17.44 20.47
C GLU B 66 -1.26 -16.70 19.15
N ILE B 67 -2.51 -16.56 18.69
CA ILE B 67 -2.82 -15.76 17.50
C ILE B 67 -2.17 -14.38 17.62
N LEU B 68 -2.43 -13.70 18.75
CA LEU B 68 -1.97 -12.33 18.94
C LEU B 68 -0.45 -12.23 19.01
N LYS B 69 0.20 -13.19 19.66
CA LYS B 69 1.67 -13.23 19.74
C LYS B 69 2.31 -13.28 18.34
N SER B 70 1.73 -14.05 17.44
CA SER B 70 2.28 -14.20 16.10
C SER B 70 2.18 -12.94 15.25
N LEU B 71 1.41 -11.94 15.70
CA LEU B 71 1.13 -10.75 14.89
C LEU B 71 1.91 -9.51 15.31
N GLN B 72 2.69 -8.97 14.37
CA GLN B 72 3.37 -7.70 14.59
C GLN B 72 3.02 -6.75 13.49
N HIS B 73 2.25 -5.73 13.84
CA HIS B 73 1.81 -4.75 12.87
C HIS B 73 1.39 -3.47 13.57
N ASP B 74 1.55 -2.36 12.89
CA ASP B 74 1.22 -1.05 13.44
C ASP B 74 -0.26 -0.86 13.70
N ASN B 75 -1.08 -1.61 12.96
CA ASN B 75 -2.51 -1.47 13.01
C ASN B 75 -3.15 -2.65 13.75
N ILE B 76 -2.34 -3.35 14.54
CA ILE B 76 -2.76 -4.47 15.38
C ILE B 76 -2.18 -4.30 16.80
N VAL B 77 -3.09 -4.29 17.80
CA VAL B 77 -2.71 -4.08 19.20
C VAL B 77 -1.62 -5.07 19.59
N LYS B 78 -0.57 -4.54 20.22
CA LYS B 78 0.61 -5.33 20.53
C LYS B 78 0.43 -6.27 21.71
N TYR B 79 0.87 -7.51 21.50
CA TYR B 79 1.04 -8.48 22.57
C TYR B 79 2.19 -8.01 23.48
N LYS B 80 2.06 -8.27 24.79
CA LYS B 80 3.15 -7.98 25.74
C LYS B 80 3.65 -9.24 26.45
N GLY B 81 2.71 -10.01 26.98
CA GLY B 81 3.04 -11.28 27.62
C GLY B 81 1.82 -11.90 28.26
N VAL B 82 2.09 -12.85 29.17
CA VAL B 82 1.06 -13.71 29.77
C VAL B 82 1.16 -13.69 31.29
N CYS B 83 0.04 -13.98 31.96
CA CYS B 83 0.01 -13.98 33.42
C CYS B 83 -1.19 -14.74 33.98
N LEU B 91 -5.43 -17.08 34.45
CA LEU B 91 -4.71 -16.74 33.22
C LEU B 91 -5.20 -15.45 32.64
N LYS B 92 -4.23 -14.59 32.28
CA LYS B 92 -4.48 -13.22 31.87
C LYS B 92 -3.58 -12.86 30.71
N LEU B 93 -4.19 -12.27 29.68
CA LEU B 93 -3.49 -11.75 28.51
C LEU B 93 -3.13 -10.27 28.75
N ILE B 94 -1.87 -9.91 28.44
CA ILE B 94 -1.37 -8.57 28.70
C ILE B 94 -0.93 -7.92 27.38
N MET B 95 -1.49 -6.75 27.11
CA MET B 95 -1.35 -6.07 25.83
C MET B 95 -1.09 -4.60 26.12
N GLU B 96 -0.62 -3.88 25.11
CA GLU B 96 -0.47 -2.45 25.22
C GLU B 96 -1.81 -1.79 25.53
N TYR B 97 -1.76 -0.69 26.28
CA TYR B 97 -2.93 0.12 26.54
C TYR B 97 -2.97 1.21 25.50
N LEU B 98 -4.09 1.32 24.80
CA LEU B 98 -4.33 2.42 23.87
C LEU B 98 -5.38 3.34 24.52
N PRO B 99 -5.01 4.61 24.79
CA PRO B 99 -5.72 5.49 25.74
C PRO B 99 -7.05 6.14 25.34
N TYR B 100 -7.39 6.12 24.05
CA TYR B 100 -8.63 6.76 23.59
C TYR B 100 -9.85 5.83 23.40
N GLY B 101 -9.67 4.53 23.60
CA GLY B 101 -10.81 3.62 23.66
C GLY B 101 -11.23 3.05 22.30
N SER B 102 -12.48 2.60 22.20
CA SER B 102 -12.92 2.04 20.95
C SER B 102 -13.14 3.16 19.94
N LEU B 103 -12.84 2.86 18.68
CA LEU B 103 -13.10 3.81 17.61
C LEU B 103 -14.55 4.21 17.65
N ARG B 104 -15.43 3.26 17.97
CA ARG B 104 -16.87 3.53 18.02
C ARG B 104 -17.22 4.61 19.02
N ASP B 105 -16.70 4.49 20.24
CA ASP B 105 -16.95 5.52 21.26
C ASP B 105 -16.23 6.82 20.92
N TYR B 106 -14.99 6.74 20.44
CA TYR B 106 -14.24 7.91 19.97
C TYR B 106 -14.97 8.74 18.90
N LEU B 107 -15.53 8.09 17.88
CA LEU B 107 -16.33 8.80 16.85
C LEU B 107 -17.49 9.59 17.44
N GLN B 108 -18.14 9.00 18.44
CA GLN B 108 -19.29 9.63 19.12
C GLN B 108 -18.84 10.79 19.98
N ALA B 109 -17.63 10.71 20.51
CA ALA B 109 -17.16 11.66 21.49
C ALA B 109 -16.40 12.82 20.83
N HIS B 110 -15.94 12.62 19.60
CA HIS B 110 -15.14 13.65 18.95
C HIS B 110 -15.45 13.82 17.48
N ALA B 111 -16.70 13.60 17.10
CA ALA B 111 -17.12 13.74 15.71
C ALA B 111 -16.86 15.15 15.20
N GLU B 112 -16.82 16.12 16.11
CA GLU B 112 -16.42 17.49 15.81
C GLU B 112 -15.10 17.61 15.04
N ARG B 113 -14.08 16.92 15.49
CA ARG B 113 -12.77 17.04 14.86
C ARG B 113 -12.45 15.91 13.86
N ILE B 114 -13.42 15.06 13.54
CA ILE B 114 -13.20 13.94 12.61
C ILE B 114 -13.92 14.16 11.28
N ASP B 115 -13.17 14.47 10.24
CA ASP B 115 -13.73 14.80 8.94
C ASP B 115 -13.55 13.62 8.04
N HIS B 116 -14.14 13.68 6.86
CA HIS B 116 -14.16 12.54 5.96
C HIS B 116 -12.78 12.02 5.58
N ILE B 117 -11.79 12.91 5.44
CA ILE B 117 -10.39 12.49 5.18
C ILE B 117 -9.86 11.66 6.35
N LYS B 118 -10.23 12.05 7.56
CA LYS B 118 -9.86 11.33 8.76
C LYS B 118 -10.52 9.95 8.77
N LEU B 119 -11.84 9.89 8.56
CA LEU B 119 -12.51 8.57 8.46
C LEU B 119 -11.81 7.66 7.46
N LEU B 120 -11.40 8.22 6.32
CA LEU B 120 -10.70 7.41 5.31
C LEU B 120 -9.28 6.98 5.73
N GLN B 121 -8.67 7.71 6.67
CA GLN B 121 -7.38 7.33 7.22
C GLN B 121 -7.53 6.06 8.07
N TYR B 122 -8.51 6.08 8.96
CA TYR B 122 -8.84 4.89 9.75
C TYR B 122 -9.18 3.73 8.82
N THR B 123 -10.03 4.01 7.83
CA THR B 123 -10.43 3.01 6.87
C THR B 123 -9.21 2.35 6.24
N SER B 124 -8.24 3.16 5.86
CA SER B 124 -7.03 2.66 5.23
C SER B 124 -6.19 1.79 6.14
N GLN B 125 -6.13 2.20 7.39
CA GLN B 125 -5.33 1.50 8.40
C GLN B 125 -5.99 0.18 8.73
N ILE B 126 -7.31 0.19 8.85
CA ILE B 126 -8.04 -1.05 9.04
C ILE B 126 -7.78 -1.98 7.87
N CYS B 127 -7.84 -1.51 6.63
CA CYS B 127 -7.52 -2.43 5.53
C CYS B 127 -6.13 -2.98 5.64
N LYS B 128 -5.17 -2.10 5.96
CA LYS B 128 -3.78 -2.53 6.06
C LYS B 128 -3.59 -3.62 7.10
N GLY B 129 -4.23 -3.44 8.24
CA GLY B 129 -4.15 -4.45 9.29
C GLY B 129 -4.80 -5.77 8.91
N MET B 130 -5.84 -5.72 8.06
CA MET B 130 -6.54 -6.94 7.63
C MET B 130 -5.73 -7.67 6.59
N GLU B 131 -5.25 -6.95 5.59
CA GLU B 131 -4.38 -7.54 4.60
C GLU B 131 -3.27 -8.37 5.25
N TYR B 132 -2.72 -7.87 6.35
CA TYR B 132 -1.64 -8.53 7.04
C TYR B 132 -2.16 -9.81 7.69
N LEU B 133 -3.26 -9.72 8.44
CA LEU B 133 -3.90 -10.92 8.96
C LEU B 133 -4.03 -11.98 7.86
N GLY B 134 -4.47 -11.51 6.69
CA GLY B 134 -4.64 -12.35 5.51
C GLY B 134 -3.42 -13.18 5.15
N THR B 135 -2.23 -12.63 5.34
CA THR B 135 -1.02 -13.30 4.94
C THR B 135 -0.70 -14.40 5.91
N LYS B 136 -1.26 -14.33 7.12
CA LYS B 136 -1.09 -15.35 8.16
C LYS B 136 -2.19 -16.40 8.09
N ARG B 137 -3.08 -16.24 7.11
CA ARG B 137 -4.26 -17.05 6.92
C ARG B 137 -5.24 -17.00 8.10
N TYR B 138 -5.28 -15.87 8.80
CA TYR B 138 -6.24 -15.67 9.88
C TYR B 138 -7.56 -15.03 9.38
N ILE B 139 -8.67 -15.40 9.99
CA ILE B 139 -9.98 -14.83 9.67
C ILE B 139 -10.51 -14.21 10.95
N HIS B 140 -10.68 -12.90 10.95
CA HIS B 140 -11.06 -12.18 12.17
C HIS B 140 -12.48 -12.49 12.68
N ARG B 141 -13.44 -12.65 11.77
CA ARG B 141 -14.84 -12.97 12.09
C ARG B 141 -15.65 -11.90 12.84
N ASP B 142 -15.04 -10.80 13.24
CA ASP B 142 -15.69 -9.87 14.13
C ASP B 142 -15.27 -8.41 13.91
N LEU B 143 -14.96 -8.07 12.67
CA LEU B 143 -14.60 -6.72 12.31
C LEU B 143 -15.79 -5.84 12.59
N ALA B 144 -15.59 -4.85 13.43
CA ALA B 144 -16.63 -3.89 13.77
C ALA B 144 -15.94 -2.78 14.50
N THR B 145 -16.52 -1.57 14.48
CA THR B 145 -15.84 -0.41 15.07
C THR B 145 -15.64 -0.53 16.57
N ARG B 146 -16.45 -1.35 17.24
CA ARG B 146 -16.29 -1.64 18.68
C ARG B 146 -15.02 -2.42 19.02
N ASN B 147 -14.44 -3.10 18.02
CA ASN B 147 -13.20 -3.87 18.17
C ASN B 147 -11.99 -3.21 17.54
N ILE B 148 -12.09 -1.91 17.31
CA ILE B 148 -10.98 -1.11 16.84
C ILE B 148 -10.68 -0.13 17.96
N LEU B 149 -9.40 0.09 18.23
CA LEU B 149 -8.96 1.02 19.29
C LEU B 149 -8.22 2.19 18.68
N VAL B 150 -8.26 3.32 19.39
CA VAL B 150 -7.58 4.52 18.98
C VAL B 150 -6.31 4.74 19.83
N GLU B 151 -5.16 4.77 19.16
CA GLU B 151 -3.88 4.97 19.82
C GLU B 151 -3.63 6.47 19.99
N ASN B 152 -3.95 7.22 18.93
CA ASN B 152 -3.92 8.67 18.91
C ASN B 152 -4.83 9.16 17.76
N GLU B 153 -4.97 10.47 17.59
CA GLU B 153 -5.89 11.00 16.59
C GLU B 153 -5.53 10.54 15.17
N ASN B 154 -4.29 10.08 15.00
CA ASN B 154 -3.77 9.65 13.70
C ASN B 154 -3.52 8.16 13.51
N ARG B 155 -3.87 7.34 14.50
CA ARG B 155 -3.66 5.91 14.35
C ARG B 155 -4.65 5.07 15.15
N VAL B 156 -5.26 4.11 14.47
CA VAL B 156 -6.16 3.13 15.07
C VAL B 156 -5.57 1.74 14.94
N LYS B 157 -5.95 0.84 15.84
CA LYS B 157 -5.51 -0.55 15.73
C LYS B 157 -6.71 -1.47 15.86
N ILE B 158 -6.65 -2.62 15.21
CA ILE B 158 -7.61 -3.70 15.50
C ILE B 158 -7.29 -4.25 16.88
N GLY B 159 -8.29 -4.30 17.75
CA GLY B 159 -8.02 -4.51 19.17
C GLY B 159 -8.58 -5.73 19.89
N ASP B 160 -9.27 -6.62 19.16
CA ASP B 160 -9.78 -7.87 19.74
C ASP B 160 -9.70 -8.98 18.71
N PHE B 161 -9.23 -10.14 19.16
CA PHE B 161 -9.05 -11.28 18.31
C PHE B 161 -9.70 -12.49 18.96
N GLY B 162 -10.78 -12.23 19.70
CA GLY B 162 -11.45 -13.27 20.46
C GLY B 162 -12.10 -14.35 19.62
N LEU B 163 -12.58 -13.97 18.43
CA LEU B 163 -13.27 -14.89 17.54
C LEU B 163 -12.41 -15.36 16.36
N THR B 164 -11.13 -15.01 16.35
CA THR B 164 -10.28 -15.24 15.20
C THR B 164 -9.88 -16.72 15.00
N LYS B 165 -9.96 -17.22 13.77
CA LYS B 165 -9.60 -18.60 13.41
C LYS B 165 -8.51 -18.64 12.36
N VAL B 166 -7.79 -19.76 12.32
CA VAL B 166 -6.74 -20.01 11.32
C VAL B 166 -7.36 -20.83 10.22
N LEU B 167 -7.30 -20.38 8.99
CA LEU B 167 -7.72 -21.23 7.89
C LEU B 167 -6.84 -22.48 7.92
N PRO B 168 -7.45 -23.65 7.70
CA PRO B 168 -6.64 -24.86 7.51
C PRO B 168 -5.85 -24.82 6.19
N GLN B 169 -4.71 -25.49 6.19
CA GLN B 169 -3.73 -25.40 5.11
C GLN B 169 -4.33 -25.61 3.71
N ASP B 170 -5.30 -26.53 3.60
CA ASP B 170 -5.86 -26.92 2.30
C ASP B 170 -7.32 -26.46 2.09
N LYS B 171 -7.71 -25.36 2.75
CA LYS B 171 -9.07 -24.81 2.61
C LYS B 171 -9.03 -23.28 2.57
N GLU B 172 -9.92 -22.66 1.81
CA GLU B 172 -10.07 -21.22 1.81
C GLU B 172 -11.16 -20.67 2.76
N PTR B 173 -11.76 -21.53 3.57
CA PTR B 173 -12.77 -21.08 4.52
C PTR B 173 -12.76 -21.91 5.77
O PTR B 173 -12.38 -23.07 5.74
CB PTR B 173 -14.14 -21.13 3.85
CG PTR B 173 -14.53 -22.55 3.58
CD1 PTR B 173 -15.05 -23.29 4.63
CD2 PTR B 173 -14.38 -23.13 2.33
CE1 PTR B 173 -15.42 -24.61 4.45
CE2 PTR B 173 -14.76 -24.47 2.13
CZ PTR B 173 -15.29 -25.21 3.21
OH PTR B 173 -15.68 -26.53 3.13
P PTR B 173 -16.44 -27.14 1.88
O1P PTR B 173 -17.57 -26.18 1.59
O2P PTR B 173 -16.86 -28.48 2.42
O3P PTR B 173 -15.37 -27.23 0.83
N PTR B 174 -13.18 -21.31 6.89
CA PTR B 174 -13.33 -22.00 8.15
C PTR B 174 -14.80 -22.14 8.45
O PTR B 174 -15.56 -21.18 8.30
CB PTR B 174 -12.63 -21.19 9.24
CG PTR B 174 -12.50 -22.04 10.46
CD1 PTR B 174 -11.33 -22.75 10.69
CD2 PTR B 174 -13.56 -22.15 11.36
CE1 PTR B 174 -11.22 -23.55 11.82
CE2 PTR B 174 -13.44 -22.96 12.48
CZ PTR B 174 -12.27 -23.64 12.74
OH PTR B 174 -12.19 -24.50 13.82
P PTR B 174 -11.47 -24.39 15.25
O1P PTR B 174 -10.19 -23.57 15.09
O2P PTR B 174 -11.27 -25.85 15.54
O3P PTR B 174 -12.55 -23.75 16.09
N LYS B 175 -15.22 -23.33 8.87
CA LYS B 175 -16.63 -23.62 9.21
C LYS B 175 -16.73 -23.68 10.71
N VAL B 176 -17.59 -22.87 11.31
CA VAL B 176 -17.52 -22.67 12.77
C VAL B 176 -18.42 -23.54 13.65
N LYS B 177 -19.68 -23.70 13.28
CA LYS B 177 -20.52 -24.81 13.82
C LYS B 177 -20.73 -24.89 15.35
N GLU B 178 -20.37 -23.83 16.08
CA GLU B 178 -20.45 -23.82 17.54
C GLU B 178 -21.14 -22.54 18.03
N PRO B 179 -21.85 -21.83 17.12
CA PRO B 179 -22.04 -20.38 17.13
C PRO B 179 -22.35 -19.72 18.49
N GLY B 180 -23.50 -20.03 19.08
CA GLY B 180 -23.93 -19.40 20.33
C GLY B 180 -24.71 -18.10 20.12
N GLU B 181 -24.00 -16.97 20.16
CA GLU B 181 -24.60 -15.63 19.96
C GLU B 181 -23.68 -14.80 19.06
N SER B 182 -24.12 -14.56 17.84
CA SER B 182 -23.27 -14.00 16.81
C SER B 182 -23.71 -12.60 16.44
N PRO B 183 -22.77 -11.78 15.97
CA PRO B 183 -23.18 -10.46 15.49
C PRO B 183 -23.77 -10.57 14.09
N ILE B 184 -25.01 -11.07 14.01
CA ILE B 184 -25.57 -11.38 12.71
C ILE B 184 -25.61 -10.21 11.74
N PHE B 185 -25.62 -8.96 12.24
CA PHE B 185 -25.85 -7.81 11.36
C PHE B 185 -24.57 -7.32 10.67
N TRP B 186 -23.44 -7.89 11.06
CA TRP B 186 -22.17 -7.70 10.39
C TRP B 186 -21.77 -8.89 9.52
N TYR B 187 -22.60 -9.94 9.46
CA TYR B 187 -22.24 -11.24 8.87
C TYR B 187 -22.58 -11.38 7.41
N ALA B 188 -21.67 -11.99 6.65
CA ALA B 188 -21.91 -12.27 5.24
C ALA B 188 -23.03 -13.33 5.14
N PRO B 189 -23.75 -13.36 4.03
CA PRO B 189 -24.87 -14.31 3.94
C PRO B 189 -24.42 -15.75 4.18
N GLU B 190 -23.30 -16.12 3.54
CA GLU B 190 -22.78 -17.48 3.64
C GLU B 190 -22.35 -17.83 5.07
N SER B 191 -21.98 -16.84 5.85
CA SER B 191 -21.76 -17.05 7.28
C SER B 191 -23.04 -17.31 8.06
N LEU B 192 -24.12 -16.63 7.71
CA LEU B 192 -25.42 -16.85 8.38
C LEU B 192 -26.01 -18.19 7.97
N THR B 193 -25.93 -18.54 6.69
CA THR B 193 -26.61 -19.73 6.15
C THR B 193 -25.82 -21.03 6.30
N GLU B 194 -24.51 -20.96 6.15
CA GLU B 194 -23.63 -22.12 6.13
C GLU B 194 -22.53 -22.00 7.17
N SER B 195 -22.48 -20.92 7.94
CA SER B 195 -21.48 -20.79 8.98
C SER B 195 -20.03 -20.76 8.45
N LYS B 196 -19.85 -20.26 7.21
CA LYS B 196 -18.58 -20.25 6.50
C LYS B 196 -17.88 -18.89 6.65
N PHE B 197 -16.68 -18.89 7.21
CA PHE B 197 -15.94 -17.67 7.38
C PHE B 197 -14.66 -17.69 6.56
N SER B 198 -14.26 -16.53 6.05
CA SER B 198 -13.16 -16.45 5.10
C SER B 198 -12.66 -15.01 5.01
N VAL B 199 -11.60 -14.77 4.23
CA VAL B 199 -11.16 -13.40 3.97
C VAL B 199 -12.32 -12.68 3.33
N ALA B 200 -12.99 -13.34 2.39
CA ALA B 200 -14.15 -12.74 1.70
C ALA B 200 -15.29 -12.31 2.65
N SER B 201 -15.48 -13.01 3.77
CA SER B 201 -16.53 -12.60 4.73
C SER B 201 -16.02 -11.54 5.68
N ASP B 202 -14.71 -11.50 5.93
CA ASP B 202 -14.11 -10.35 6.62
C ASP B 202 -14.23 -9.08 5.74
N VAL B 203 -14.22 -9.24 4.43
CA VAL B 203 -14.43 -8.07 3.57
C VAL B 203 -15.88 -7.53 3.67
N TRP B 204 -16.85 -8.44 3.71
CA TRP B 204 -18.26 -8.08 3.88
C TRP B 204 -18.40 -7.20 5.12
N SER B 205 -17.81 -7.63 6.25
CA SER B 205 -17.94 -6.93 7.53
C SER B 205 -17.19 -5.63 7.46
N PHE B 206 -16.04 -5.68 6.79
CA PHE B 206 -15.33 -4.45 6.51
C PHE B 206 -16.26 -3.44 5.87
N GLY B 207 -17.05 -3.88 4.89
CA GLY B 207 -18.04 -2.99 4.29
C GLY B 207 -18.93 -2.40 5.36
N VAL B 208 -19.41 -3.23 6.29
CA VAL B 208 -20.24 -2.74 7.39
C VAL B 208 -19.44 -1.76 8.28
N VAL B 209 -18.16 -2.03 8.55
CA VAL B 209 -17.32 -1.07 9.31
C VAL B 209 -17.24 0.28 8.62
N LEU B 210 -17.05 0.26 7.32
CA LEU B 210 -17.02 1.48 6.52
C LEU B 210 -18.37 2.20 6.60
N TYR B 211 -19.46 1.44 6.57
CA TYR B 211 -20.77 2.02 6.78
C TYR B 211 -20.80 2.70 8.16
N GLU B 212 -20.34 2.03 9.20
CA GLU B 212 -20.42 2.60 10.54
C GLU B 212 -19.69 3.90 10.63
N LEU B 213 -18.46 3.92 10.09
CA LEU B 213 -17.66 5.12 10.12
C LEU B 213 -18.47 6.27 9.60
N PHE B 214 -19.05 6.12 8.43
CA PHE B 214 -19.71 7.28 7.79
C PHE B 214 -21.07 7.61 8.38
N THR B 215 -21.57 6.77 9.30
CA THR B 215 -22.75 7.15 10.09
C THR B 215 -22.32 7.97 11.30
N TYR B 216 -21.03 7.94 11.61
CA TYR B 216 -20.48 8.54 12.83
C TYR B 216 -21.13 7.94 14.05
N ILE B 217 -21.52 6.67 13.91
CA ILE B 217 -22.26 5.97 14.96
C ILE B 217 -23.47 6.77 15.46
N GLU B 218 -24.12 7.50 14.57
CA GLU B 218 -25.36 8.15 14.91
C GLU B 218 -26.30 7.07 15.40
N LYS B 219 -27.08 7.43 16.40
CA LYS B 219 -27.77 6.43 17.25
C LYS B 219 -28.72 5.51 16.46
N SER B 220 -29.60 6.14 15.69
CA SER B 220 -30.64 5.46 14.95
C SER B 220 -30.14 4.73 13.69
N LYS B 221 -28.85 4.85 13.36
CA LYS B 221 -28.32 4.45 12.06
C LYS B 221 -27.43 3.23 12.14
N SER B 222 -27.42 2.54 13.28
CA SER B 222 -26.56 1.40 13.44
C SER B 222 -27.13 0.20 12.65
N PRO B 223 -26.24 -0.72 12.24
CA PRO B 223 -26.69 -1.82 11.41
C PRO B 223 -27.84 -2.62 11.98
N PRO B 224 -27.77 -3.03 13.25
CA PRO B 224 -28.95 -3.68 13.82
C PRO B 224 -30.22 -2.82 13.72
N ALA B 225 -30.15 -1.54 14.04
CA ALA B 225 -31.29 -0.62 13.94
C ALA B 225 -31.82 -0.53 12.53
N GLU B 226 -30.93 -0.46 11.54
CA GLU B 226 -31.37 -0.28 10.13
C GLU B 226 -31.88 -1.56 9.54
N PHE B 227 -31.20 -2.67 9.81
CA PHE B 227 -31.73 -3.95 9.38
C PHE B 227 -33.13 -4.27 10.00
N MET B 228 -33.34 -3.97 11.27
CA MET B 228 -34.67 -4.27 11.83
C MET B 228 -35.73 -3.44 11.10
N ARG B 229 -35.42 -2.17 10.83
CA ARG B 229 -36.32 -1.29 10.10
CA ARG B 229 -36.32 -1.29 10.11
C ARG B 229 -36.71 -1.91 8.77
N MET B 230 -35.75 -2.49 8.08
CA MET B 230 -36.00 -3.10 6.78
C MET B 230 -36.71 -4.43 6.87
N ILE B 231 -36.48 -5.17 7.96
CA ILE B 231 -37.09 -6.49 8.16
C ILE B 231 -38.52 -6.36 8.68
N GLY B 232 -38.82 -5.26 9.37
CA GLY B 232 -40.02 -5.12 10.19
C GLY B 232 -39.58 -5.32 11.63
N ASN B 233 -39.94 -4.40 12.54
CA ASN B 233 -39.53 -4.47 13.96
C ASN B 233 -40.39 -5.46 14.80
N ASP B 234 -41.56 -5.81 14.27
CA ASP B 234 -42.39 -6.91 14.84
C ASP B 234 -41.66 -8.26 14.98
N LYS B 235 -40.74 -8.55 14.06
CA LYS B 235 -40.04 -9.84 13.99
C LYS B 235 -39.22 -10.19 15.25
N GLN B 236 -39.27 -11.47 15.66
CA GLN B 236 -38.68 -11.89 16.95
C GLN B 236 -37.82 -13.15 16.99
N GLY B 237 -36.67 -13.01 17.65
CA GLY B 237 -35.72 -14.08 17.97
C GLY B 237 -35.29 -15.05 16.89
N GLN B 238 -36.17 -16.00 16.62
CA GLN B 238 -35.85 -17.11 15.73
C GLN B 238 -36.03 -16.62 14.30
N MET B 239 -37.14 -15.92 14.05
CA MET B 239 -37.46 -15.49 12.69
C MET B 239 -36.59 -14.34 12.19
N ILE B 240 -35.98 -13.58 13.08
CA ILE B 240 -35.20 -12.44 12.63
C ILE B 240 -34.13 -12.91 11.66
N VAL B 241 -33.43 -13.97 11.98
CA VAL B 241 -32.28 -14.42 11.17
C VAL B 241 -32.69 -14.85 9.77
N PHE B 242 -33.80 -15.57 9.68
CA PHE B 242 -34.33 -15.99 8.40
C PHE B 242 -34.71 -14.77 7.55
N HIS B 243 -35.38 -13.79 8.14
CA HIS B 243 -35.73 -12.57 7.43
C HIS B 243 -34.52 -11.73 7.00
N LEU B 244 -33.46 -11.75 7.79
CA LEU B 244 -32.20 -11.13 7.39
C LEU B 244 -31.64 -11.86 6.17
N ILE B 245 -31.63 -13.18 6.21
CA ILE B 245 -31.09 -13.97 5.10
C ILE B 245 -31.88 -13.70 3.85
N GLU B 246 -33.21 -13.64 3.97
CA GLU B 246 -34.08 -13.38 2.82
C GLU B 246 -33.80 -12.01 2.26
N LEU B 247 -33.69 -11.05 3.15
CA LEU B 247 -33.46 -9.67 2.75
C LEU B 247 -32.17 -9.53 1.95
N LEU B 248 -31.12 -10.20 2.41
CA LEU B 248 -29.82 -10.08 1.77
C LEU B 248 -29.86 -10.81 0.45
N LYS B 249 -30.69 -11.86 0.40
CA LYS B 249 -30.85 -12.66 -0.79
C LYS B 249 -31.53 -11.87 -1.89
N ASN B 250 -32.44 -10.96 -1.53
CA ASN B 250 -33.10 -10.08 -2.48
C ASN B 250 -32.39 -8.71 -2.69
N ASN B 251 -31.11 -8.61 -2.29
CA ASN B 251 -30.30 -7.38 -2.40
C ASN B 251 -30.76 -6.14 -1.62
N GLY B 252 -31.45 -6.34 -0.51
CA GLY B 252 -31.61 -5.31 0.50
C GLY B 252 -30.25 -5.09 1.14
N ARG B 253 -29.92 -3.82 1.35
CA ARG B 253 -28.64 -3.42 1.88
C ARG B 253 -28.76 -2.24 2.86
N LEU B 254 -27.76 -2.06 3.73
CA LEU B 254 -27.72 -0.88 4.54
C LEU B 254 -27.73 0.34 3.60
N PRO B 255 -28.53 1.35 3.90
CA PRO B 255 -28.61 2.56 3.07
C PRO B 255 -27.34 3.42 3.12
N ARG B 256 -27.18 4.30 2.15
CA ARG B 256 -26.05 5.23 2.07
C ARG B 256 -26.25 6.24 3.20
N PRO B 257 -25.28 6.38 4.11
CA PRO B 257 -25.38 7.40 5.16
C PRO B 257 -25.32 8.81 4.60
N ASP B 258 -26.03 9.71 5.27
CA ASP B 258 -26.02 11.11 4.86
C ASP B 258 -24.59 11.62 4.83
N GLY B 259 -24.29 12.40 3.83
CA GLY B 259 -22.95 12.92 3.70
C GLY B 259 -22.00 11.99 2.98
N CYS B 260 -22.33 10.72 2.89
CA CYS B 260 -21.37 9.76 2.37
C CYS B 260 -21.24 9.87 0.85
N PRO B 261 -20.07 10.30 0.36
CA PRO B 261 -19.92 10.33 -1.08
C PRO B 261 -20.22 8.99 -1.73
N ASP B 262 -20.88 9.06 -2.89
CA ASP B 262 -21.27 7.88 -3.62
C ASP B 262 -20.13 6.93 -3.94
N GLU B 263 -18.92 7.40 -4.20
CA GLU B 263 -17.86 6.47 -4.56
C GLU B 263 -17.40 5.68 -3.35
N ILE B 264 -17.65 6.19 -2.14
CA ILE B 264 -17.43 5.40 -0.93
C ILE B 264 -18.52 4.35 -0.70
N TYR B 265 -19.78 4.69 -1.00
CA TYR B 265 -20.87 3.76 -0.88
C TYR B 265 -20.69 2.64 -1.87
N MET B 266 -20.20 2.93 -3.05
CA MET B 266 -19.91 1.88 -4.01
C MET B 266 -18.88 0.90 -3.45
N ILE B 267 -17.92 1.38 -2.66
CA ILE B 267 -16.97 0.46 -2.03
C ILE B 267 -17.72 -0.45 -1.06
N MET B 268 -18.63 0.11 -0.26
CA MET B 268 -19.43 -0.68 0.68
C MET B 268 -20.21 -1.76 -0.06
N THR B 269 -20.95 -1.33 -1.10
CA THR B 269 -21.86 -2.22 -1.82
C THR B 269 -21.12 -3.32 -2.58
N GLU B 270 -19.91 -3.04 -3.04
CA GLU B 270 -19.03 -4.08 -3.56
C GLU B 270 -18.58 -5.06 -2.49
N CYS B 271 -18.31 -4.58 -1.28
CA CYS B 271 -18.00 -5.52 -0.19
C CYS B 271 -19.18 -6.44 0.15
N TRP B 272 -20.40 -5.96 -0.10
CA TRP B 272 -21.62 -6.70 0.18
C TRP B 272 -22.19 -7.38 -1.07
N ASN B 273 -21.31 -8.07 -1.79
CA ASN B 273 -21.72 -8.85 -2.93
C ASN B 273 -22.08 -10.25 -2.42
N ASN B 274 -23.21 -10.78 -2.87
CA ASN B 274 -23.63 -12.15 -2.47
C ASN B 274 -22.64 -13.19 -2.97
N ASN B 275 -22.04 -12.91 -4.12
CA ASN B 275 -21.03 -13.81 -4.66
C ASN B 275 -19.70 -13.58 -3.93
N VAL B 276 -19.25 -14.63 -3.26
CA VAL B 276 -18.04 -14.61 -2.45
C VAL B 276 -16.77 -14.16 -3.20
N ASN B 277 -16.55 -14.67 -4.40
CA ASN B 277 -15.32 -14.37 -5.17
C ASN B 277 -15.34 -13.06 -5.93
N GLN B 278 -16.50 -12.42 -6.05
CA GLN B 278 -16.54 -11.07 -6.62
C GLN B 278 -16.23 -9.99 -5.58
N ARG B 279 -16.11 -10.34 -4.30
CA ARG B 279 -15.72 -9.33 -3.31
C ARG B 279 -14.26 -8.94 -3.51
N PRO B 280 -13.95 -7.65 -3.36
CA PRO B 280 -12.58 -7.20 -3.56
C PRO B 280 -11.63 -7.63 -2.46
N SER B 281 -10.33 -7.63 -2.76
CA SER B 281 -9.30 -7.91 -1.77
C SER B 281 -8.96 -6.68 -0.97
N PHE B 282 -8.39 -6.88 0.22
CA PHE B 282 -7.99 -5.78 1.09
C PHE B 282 -6.89 -4.90 0.50
N ARG B 283 -6.02 -5.45 -0.34
CA ARG B 283 -4.98 -4.61 -0.91
C ARG B 283 -5.66 -3.65 -1.89
N ASP B 284 -6.56 -4.15 -2.74
CA ASP B 284 -7.32 -3.27 -3.61
C ASP B 284 -8.14 -2.22 -2.85
N LEU B 285 -8.77 -2.59 -1.74
CA LEU B 285 -9.54 -1.61 -0.98
C LEU B 285 -8.67 -0.47 -0.45
N ALA B 286 -7.54 -0.81 0.13
CA ALA B 286 -6.58 0.17 0.66
C ALA B 286 -6.10 1.15 -0.41
N LEU B 287 -5.69 0.60 -1.56
CA LEU B 287 -5.21 1.41 -2.66
C LEU B 287 -6.29 2.38 -3.08
N ARG B 288 -7.48 1.86 -3.32
CA ARG B 288 -8.60 2.70 -3.77
C ARG B 288 -9.06 3.69 -2.73
N VAL B 289 -9.01 3.32 -1.47
CA VAL B 289 -9.34 4.25 -0.41
C VAL B 289 -8.30 5.38 -0.36
N ASP B 290 -7.02 5.04 -0.49
CA ASP B 290 -5.97 6.05 -0.43
C ASP B 290 -6.12 7.04 -1.59
N GLN B 291 -6.29 6.49 -2.78
CA GLN B 291 -6.61 7.22 -4.00
C GLN B 291 -7.81 8.20 -3.79
N ILE B 292 -8.96 7.70 -3.32
CA ILE B 292 -10.12 8.57 -3.03
C ILE B 292 -9.76 9.67 -2.01
N ARG B 293 -8.94 9.33 -1.03
CA ARG B 293 -8.56 10.28 0.04
C ARG B 293 -7.57 11.36 -0.44
N ASP B 294 -6.64 10.97 -1.30
CA ASP B 294 -5.77 11.92 -1.97
C ASP B 294 -6.66 12.93 -2.69
N GLN B 295 -7.53 12.43 -3.58
CA GLN B 295 -8.42 13.28 -4.37
C GLN B 295 -9.27 14.26 -3.55
N MET B 296 -9.54 13.93 -2.27
CA MET B 296 -10.22 14.88 -1.38
C MET B 296 -9.31 16.06 -0.98
N ALA B 297 -8.01 15.97 -1.30
CA ALA B 297 -7.06 17.10 -1.32
C ALA B 297 -6.64 17.52 0.08
C1 F9J C . 14.43 2.86 -1.91
C2 F9J C . 14.58 1.39 -1.96
C3 F9J C . 15.58 0.58 -2.41
C4 F9J C . 15.13 -0.74 -2.18
N1 F9J C . 13.92 -0.73 -1.61
N2 F9J C . 13.60 0.56 -1.49
N3 F9J C . 15.84 -1.88 -2.48
C5 F9J C . 17.09 -2.02 -3.08
N4 F9J C . 17.55 -3.28 -3.10
C6 F9J C . 18.74 -3.55 -3.65
C7 F9J C . 19.45 -2.48 -4.18
C8 F9J C . 18.92 -1.20 -4.13
N5 F9J C . 17.74 -0.96 -3.57
O1 F9J C . 19.72 -0.18 -4.70
C9 F9J C . 19.26 1.18 -4.43
C10 F9J C . 20.44 2.12 -4.56
C11 F9J C . 18.15 1.58 -5.36
N6 F9J C . 18.10 1.01 -6.57
C12 F9J C . 17.08 1.37 -7.36
C13 F9J C . 16.15 2.28 -6.96
C14 F9J C . 16.28 2.83 -5.70
N7 F9J C . 17.28 2.48 -4.88
F1 F9J C . 15.15 2.63 -7.76
F2 F9J C . 20.63 -2.66 -4.75
N8 F9J C . 19.22 -4.89 -3.68
C15 F9J C . 18.54 -5.88 -2.86
C16 F9J C . 19.53 -6.72 -2.05
O2 F9J C . 20.65 -7.11 -2.86
C17 F9J C . 21.33 -5.97 -3.39
C18 F9J C . 20.42 -5.29 -4.40
C ACE D . 22.67 3.88 10.34
O ACE D . 21.86 4.77 10.00
CH3 ACE D . 24.10 3.88 9.86
C ACE E . 28.01 2.13 8.59
O ACE E . 27.05 2.92 8.76
CH3 ACE E . 28.39 1.64 7.21
C1 F9J F . -6.91 -4.51 24.47
C2 F9J F . -6.92 -3.07 24.76
C3 F9J F . -7.94 -2.21 25.12
C4 F9J F . -7.32 -0.95 25.27
N1 F9J F . -6.01 -1.01 25.00
N2 F9J F . -5.78 -2.30 24.70
N3 F9J F . -7.98 0.17 25.61
C5 F9J F . -9.34 0.30 25.98
N4 F9J F . -9.66 1.54 26.39
C6 F9J F . -10.92 1.81 26.75
C7 F9J F . -11.82 0.77 26.69
C8 F9J F . -11.42 -0.47 26.27
N5 F9J F . -10.17 -0.76 25.90
O1 F9J F . -12.46 -1.42 26.26
C9 F9J F . -12.00 -2.77 26.18
C10 F9J F . -13.13 -3.66 26.61
C11 F9J F . -11.73 -3.01 24.75
N6 F9J F . -12.63 -2.46 23.92
C12 F9J F . -12.38 -2.65 22.62
C13 F9J F . -11.30 -3.38 22.22
C14 F9J F . -10.43 -3.91 23.15
N7 F9J F . -10.64 -3.72 24.46
F1 F9J F . -11.10 -3.55 20.91
F2 F9J F . -13.12 0.95 27.05
N8 F9J F . -11.29 3.13 27.19
C15 F9J F . -10.25 3.81 27.95
C16 F9J F . -10.75 5.17 28.37
O2 F9J F . -11.95 5.04 29.13
C17 F9J F . -12.98 4.64 28.22
C18 F9J F . -12.65 3.25 27.71
C ACE G . -27.72 12.25 1.84
O ACE G . -26.54 12.66 1.95
CH3 ACE G . -28.80 12.95 1.05
#